data_2G0A
#
_entry.id   2G0A
#
_cell.length_a   134.549
_cell.length_b   134.549
_cell.length_c   39.226
_cell.angle_alpha   90.00
_cell.angle_beta   90.00
_cell.angle_gamma   120.00
#
_symmetry.space_group_name_H-M   'P 32'
#
loop_
_entity.id
_entity.type
_entity.pdbx_description
1 polymer "Cytosolic 5'-nucleotidase III"
2 non-polymer 'LEAD (II) ION'
3 non-polymer '4-(2-HYDROXYETHYL)-1-PIPERAZINE ETHANESULFONIC ACID'
4 water water
#
_entity_poly.entity_id   1
_entity_poly.type   'polypeptide(L)'
_entity_poly.pdbx_seq_one_letter_code
;STNQESAVHLK(MSE)(MSE)PEFQKSSVRIKNPTRVEEIICGLIKGGAAKLQIITDFD(MSE)TLSRFSYNGKRCPTCH
NIIDNCKLVTDECRRKLLQLKEQYYAIEVDPVLTVEEKFPY(MSE)VEWYTKSHGLLIEQGIPKAKLKEIVADSDV
(MSE)LKEGYENFFGKLQQHGIPVFIFSAGIGDVLEEVIRQAGVYHSNVKVVSNF(MSE)DFDENGVLKGFKGELIHVFN
KHDGALKNTDYFSQLKDNSNIILLGDSQGDLR(MSE)ADGVANVEHILKIGYLNDRVDELLEKY(MSE)DSYDIVLVKEE
SLEVVNSILQKTL
;
_entity_poly.pdbx_strand_id   A,B
#
loop_
_chem_comp.id
_chem_comp.type
_chem_comp.name
_chem_comp.formula
EPE non-polymer '4-(2-HYDROXYETHYL)-1-PIPERAZINE ETHANESULFONIC ACID' 'C8 H18 N2 O4 S'
PB non-polymer 'LEAD (II) ION' 'Pb 2'
#
# COMPACT_ATOMS: atom_id res chain seq x y z
N ALA A 7 -19.20 -26.64 8.06
CA ALA A 7 -19.02 -26.65 9.55
C ALA A 7 -17.53 -26.69 9.92
N VAL A 8 -17.17 -26.09 11.05
CA VAL A 8 -15.78 -26.06 11.47
C VAL A 8 -15.51 -27.07 12.56
N HIS A 9 -14.45 -27.84 12.38
CA HIS A 9 -14.07 -28.82 13.39
C HIS A 9 -12.58 -28.67 13.59
N LEU A 10 -12.23 -28.16 14.77
CA LEU A 10 -10.84 -27.92 15.11
C LEU A 10 -10.05 -29.20 15.22
N LYS A 11 -10.75 -30.29 15.53
CA LYS A 11 -10.13 -31.62 15.60
C LYS A 11 -9.63 -32.13 14.25
N MSE A 12 -10.17 -31.57 13.17
CA MSE A 12 -9.81 -32.00 11.82
C MSE A 12 -8.91 -30.99 11.13
O MSE A 12 -8.70 -31.04 9.92
CB MSE A 12 -11.05 -32.25 10.97
CG MSE A 12 -12.09 -33.10 11.64
SE MSE A 12 -13.28 -33.84 10.31
CE MSE A 12 -14.16 -32.27 9.85
N MSE A 13 -8.35 -30.08 11.90
CA MSE A 13 -7.39 -29.14 11.37
C MSE A 13 -6.08 -29.43 12.07
O MSE A 13 -5.90 -29.05 13.23
CB MSE A 13 -7.87 -27.71 11.64
CG MSE A 13 -9.17 -27.33 10.92
SE MSE A 13 -9.88 -25.54 11.42
CE MSE A 13 -8.63 -24.44 10.40
N PRO A 14 -5.13 -30.09 11.35
CA PRO A 14 -3.84 -30.55 11.90
C PRO A 14 -3.00 -29.39 12.50
N GLU A 15 -3.26 -28.17 12.05
CA GLU A 15 -2.61 -26.98 12.58
C GLU A 15 -3.03 -26.74 14.04
N PHE A 16 -4.27 -27.06 14.37
CA PHE A 16 -4.82 -26.89 15.71
C PHE A 16 -4.46 -28.00 16.70
N GLN A 17 -3.77 -29.02 16.22
CA GLN A 17 -3.37 -30.13 17.06
C GLN A 17 -1.98 -29.94 17.62
N LYS A 18 -1.22 -28.98 17.10
CA LYS A 18 0.12 -28.70 17.60
C LYS A 18 0.04 -28.40 19.11
N SER A 19 1.01 -28.86 19.88
CA SER A 19 0.89 -28.77 21.34
C SER A 19 1.02 -27.32 21.84
N SER A 20 1.45 -26.42 20.97
CA SER A 20 1.59 -25.01 21.29
C SER A 20 0.24 -24.28 21.30
N VAL A 21 -0.78 -24.93 20.75
CA VAL A 21 -2.11 -24.35 20.59
C VAL A 21 -2.98 -24.53 21.86
N ARG A 22 -3.32 -23.44 22.57
CA ARG A 22 -4.20 -23.56 23.77
C ARG A 22 -5.51 -22.78 23.61
N ILE A 23 -6.62 -23.47 23.83
CA ILE A 23 -7.94 -22.91 23.56
C ILE A 23 -8.86 -23.29 24.69
N LYS A 24 -9.25 -22.30 25.48
CA LYS A 24 -10.18 -22.50 26.59
C LYS A 24 -11.54 -23.03 26.13
N ASN A 25 -12.06 -22.42 25.06
CA ASN A 25 -13.43 -22.64 24.66
C ASN A 25 -13.54 -22.97 23.17
N PRO A 26 -13.29 -24.27 22.79
CA PRO A 26 -13.19 -24.68 21.37
C PRO A 26 -14.53 -24.56 20.61
N THR A 27 -15.66 -24.84 21.25
CA THR A 27 -16.96 -24.71 20.58
C THR A 27 -17.22 -23.26 20.13
N ARG A 28 -16.89 -22.33 21.01
CA ARG A 28 -17.00 -20.92 20.77
C ARG A 28 -16.09 -20.50 19.62
N VAL A 29 -14.83 -20.98 19.65
CA VAL A 29 -13.84 -20.72 18.55
C VAL A 29 -14.32 -21.26 17.21
N GLU A 30 -14.85 -22.48 17.21
CA GLU A 30 -15.47 -23.03 16.02
C GLU A 30 -16.59 -22.18 15.51
N GLU A 31 -17.48 -21.75 16.41
CA GLU A 31 -18.53 -20.78 16.07
C GLU A 31 -18.02 -19.47 15.40
N ILE A 32 -16.97 -18.86 15.95
CA ILE A 32 -16.41 -17.63 15.38
C ILE A 32 -15.79 -17.86 13.98
N ILE A 33 -14.96 -18.90 13.86
CA ILE A 33 -14.31 -19.26 12.58
C ILE A 33 -15.38 -19.57 11.53
N CYS A 34 -16.46 -20.20 11.97
CA CYS A 34 -17.61 -20.44 11.10
C CYS A 34 -18.21 -19.15 10.52
N GLY A 35 -18.38 -18.13 11.38
CA GLY A 35 -18.81 -16.77 10.94
C GLY A 35 -17.85 -16.13 9.97
N LEU A 36 -16.55 -16.29 10.23
CA LEU A 36 -15.49 -15.78 9.35
C LEU A 36 -15.59 -16.33 7.92
N ILE A 37 -15.85 -17.63 7.83
CA ILE A 37 -15.93 -18.37 6.58
C ILE A 37 -17.17 -17.96 5.81
N LYS A 38 -18.29 -17.86 6.53
CA LYS A 38 -19.54 -17.39 5.93
C LYS A 38 -19.41 -16.00 5.28
N GLY A 39 -18.69 -15.09 5.92
CA GLY A 39 -18.53 -13.74 5.42
C GLY A 39 -17.54 -13.62 4.27
N GLY A 40 -16.54 -14.51 4.21
CA GLY A 40 -15.64 -14.58 3.06
C GLY A 40 -14.74 -13.40 3.04
N ALA A 41 -14.05 -13.18 1.92
CA ALA A 41 -13.17 -12.01 1.78
C ALA A 41 -13.85 -10.64 2.02
N ALA A 42 -15.08 -10.50 1.55
CA ALA A 42 -15.81 -9.22 1.56
C ALA A 42 -15.97 -8.61 2.95
N LYS A 43 -16.06 -9.46 3.96
CA LYS A 43 -16.26 -9.00 5.32
C LYS A 43 -15.03 -8.99 6.21
N LEU A 44 -13.90 -9.46 5.70
CA LEU A 44 -12.74 -9.64 6.57
C LEU A 44 -11.81 -8.44 6.65
N GLN A 45 -11.21 -8.22 7.82
CA GLN A 45 -10.02 -7.39 7.96
C GLN A 45 -9.14 -7.95 9.08
N ILE A 46 -7.86 -7.56 9.06
CA ILE A 46 -6.88 -8.08 10.01
C ILE A 46 -6.39 -6.89 10.79
N ILE A 47 -6.24 -7.09 12.10
CA ILE A 47 -5.66 -6.09 13.01
C ILE A 47 -4.61 -6.79 13.81
N THR A 48 -3.39 -6.24 13.82
CA THR A 48 -2.26 -7.03 14.27
C THR A 48 -1.17 -6.16 14.84
N ASP A 49 -0.60 -6.65 15.92
CA ASP A 49 0.69 -6.15 16.39
C ASP A 49 1.79 -6.65 15.46
N PHE A 50 2.98 -6.13 15.65
CA PHE A 50 4.10 -6.54 14.86
C PHE A 50 5.14 -7.33 15.66
N ASP A 51 5.88 -6.65 16.55
CA ASP A 51 6.99 -7.28 17.28
C ASP A 51 6.51 -8.51 18.06
N MSE A 52 7.10 -9.66 17.73
CA MSE A 52 6.87 -10.90 18.48
C MSE A 52 5.51 -11.47 18.18
O MSE A 52 5.12 -12.48 18.74
CB MSE A 52 7.04 -10.70 20.01
CG MSE A 52 8.08 -9.70 20.42
SE MSE A 52 9.91 -10.25 20.13
CE MSE A 52 10.27 -9.76 18.32
N THR A 53 4.78 -10.81 17.28
CA THR A 53 3.51 -11.27 16.74
C THR A 53 3.71 -11.68 15.29
N LEU A 54 4.13 -10.73 14.44
CA LEU A 54 4.44 -11.07 13.04
C LEU A 54 5.90 -11.43 12.88
N SER A 55 6.74 -11.01 13.84
CA SER A 55 8.14 -11.34 13.87
C SER A 55 8.37 -12.38 14.99
N ARG A 56 9.50 -13.10 14.88
CA ARG A 56 9.87 -14.16 15.81
C ARG A 56 10.40 -13.60 17.12
N PHE A 57 10.04 -14.28 18.21
CA PHE A 57 10.57 -14.00 19.55
C PHE A 57 11.95 -14.61 19.68
N SER A 58 12.13 -15.81 19.12
CA SER A 58 13.46 -16.42 19.01
C SER A 58 13.64 -17.39 17.84
N TYR A 59 14.89 -17.54 17.39
CA TYR A 59 15.22 -18.39 16.24
C TYR A 59 16.04 -19.67 16.54
N ASN A 60 17.37 -19.62 16.40
CA ASN A 60 18.24 -20.84 16.56
C ASN A 60 19.70 -20.76 17.10
N GLY A 61 19.85 -20.81 18.43
CA GLY A 61 18.72 -20.85 19.35
C GLY A 61 18.50 -19.49 19.97
N LYS A 62 18.23 -18.47 19.14
CA LYS A 62 18.45 -17.11 19.59
C LYS A 62 17.26 -16.18 19.68
N ARG A 63 17.43 -15.24 20.59
CA ARG A 63 16.50 -14.24 20.92
C ARG A 63 16.58 -13.21 19.81
N CYS A 64 15.44 -12.97 19.14
CA CYS A 64 15.38 -12.04 17.99
C CYS A 64 15.09 -10.59 18.39
N PRO A 65 15.56 -9.62 17.58
CA PRO A 65 15.33 -8.22 17.90
C PRO A 65 13.91 -7.73 17.59
N THR A 66 13.41 -6.86 18.47
CA THR A 66 12.30 -5.96 18.12
C THR A 66 12.83 -4.83 17.25
N CYS A 67 11.93 -4.16 16.56
CA CYS A 67 12.21 -2.87 15.86
C CYS A 67 13.12 -1.89 16.58
N HIS A 68 12.83 -1.65 17.86
CA HIS A 68 13.66 -0.81 18.71
C HIS A 68 15.04 -1.44 18.88
N ASN A 69 15.09 -2.76 19.10
CA ASN A 69 16.38 -3.50 19.29
C ASN A 69 17.33 -3.40 18.09
N ILE A 70 16.76 -3.31 16.89
CA ILE A 70 17.48 -3.19 15.63
C ILE A 70 18.35 -1.93 15.61
N ILE A 71 17.83 -0.83 16.11
CA ILE A 71 18.61 0.41 16.26
C ILE A 71 19.55 0.33 17.45
N ASP A 72 19.02 -0.09 18.60
CA ASP A 72 19.84 -0.33 19.79
C ASP A 72 21.16 -1.03 19.42
N ASN A 73 21.06 -2.05 18.57
CA ASN A 73 22.18 -2.95 18.30
C ASN A 73 23.04 -2.61 17.09
N CYS A 74 22.69 -1.55 16.36
CA CYS A 74 23.36 -1.24 15.11
C CYS A 74 24.71 -0.51 15.28
N LYS A 75 25.45 -0.38 14.17
CA LYS A 75 26.79 0.16 14.17
C LYS A 75 26.82 1.67 14.48
N LEU A 76 25.66 2.30 14.44
CA LEU A 76 25.52 3.73 14.72
C LEU A 76 25.40 4.09 16.20
N VAL A 77 25.22 3.08 17.06
CA VAL A 77 24.96 3.24 18.49
C VAL A 77 26.16 2.73 19.31
N THR A 78 26.63 3.55 20.27
CA THR A 78 27.78 3.19 21.11
C THR A 78 27.43 2.14 22.19
N ASP A 79 28.43 1.38 22.59
CA ASP A 79 28.32 0.45 23.73
C ASP A 79 27.84 1.11 25.03
N GLU A 80 28.28 2.34 25.27
CA GLU A 80 27.79 3.11 26.41
C GLU A 80 26.30 3.45 26.25
N CYS A 81 25.89 3.83 25.05
CA CYS A 81 24.46 4.04 24.85
C CYS A 81 23.63 2.75 25.10
N ARG A 82 24.15 1.60 24.69
CA ARG A 82 23.48 0.33 24.96
C ARG A 82 23.48 -0.02 26.45
N ARG A 83 24.53 0.38 27.15
CA ARG A 83 24.58 0.19 28.59
C ARG A 83 23.44 0.99 29.25
N LYS A 84 23.25 2.23 28.79
CA LYS A 84 22.19 3.07 29.34
C LYS A 84 20.81 2.50 29.00
N LEU A 85 20.66 2.04 27.75
CA LEU A 85 19.39 1.45 27.29
C LEU A 85 18.99 0.20 28.07
N LEU A 86 20.00 -0.60 28.41
CA LEU A 86 19.79 -1.82 29.15
C LEU A 86 19.34 -1.51 30.57
N GLN A 87 20.00 -0.55 31.21
CA GLN A 87 19.62 -0.08 32.54
C GLN A 87 18.19 0.44 32.60
N LEU A 88 17.79 1.22 31.58
CA LEU A 88 16.41 1.68 31.43
C LEU A 88 15.43 0.52 31.40
N LYS A 89 15.82 -0.51 30.65
CA LYS A 89 14.99 -1.69 30.44
C LYS A 89 14.81 -2.44 31.75
N GLU A 90 15.90 -2.57 32.49
CA GLU A 90 15.89 -3.30 33.74
C GLU A 90 14.96 -2.65 34.76
N GLN A 91 14.98 -1.32 34.86
CA GLN A 91 14.16 -0.67 35.87
C GLN A 91 12.69 -0.48 35.47
N TYR A 92 12.46 -0.29 34.17
CA TYR A 92 11.09 -0.07 33.66
C TYR A 92 10.37 -1.35 33.33
N TYR A 93 11.09 -2.38 32.94
CA TYR A 93 10.42 -3.64 32.69
C TYR A 93 9.91 -4.25 33.99
N ALA A 94 10.64 -4.07 35.10
CA ALA A 94 10.15 -4.48 36.42
C ALA A 94 8.79 -3.83 36.78
N ILE A 95 8.59 -2.60 36.33
CA ILE A 95 7.33 -1.90 36.51
C ILE A 95 6.27 -2.53 35.62
N GLU A 96 6.54 -2.60 34.31
CA GLU A 96 5.60 -3.21 33.37
C GLU A 96 5.01 -4.54 33.83
N VAL A 97 5.86 -5.38 34.44
CA VAL A 97 5.46 -6.74 34.78
C VAL A 97 5.15 -6.84 36.24
N ASP A 98 5.02 -5.68 36.89
CA ASP A 98 4.71 -5.63 38.32
C ASP A 98 3.26 -6.03 38.59
N PRO A 99 3.06 -7.08 39.37
CA PRO A 99 1.69 -7.58 39.56
C PRO A 99 0.77 -6.75 40.48
N VAL A 100 1.33 -5.84 41.28
CA VAL A 100 0.53 -5.04 42.22
C VAL A 100 -0.07 -3.77 41.57
N LEU A 101 0.72 -3.12 40.73
CA LEU A 101 0.31 -1.89 40.06
C LEU A 101 -0.80 -2.19 39.07
N THR A 102 -1.79 -1.32 39.03
CA THR A 102 -2.85 -1.41 38.04
C THR A 102 -2.25 -1.02 36.69
N VAL A 103 -2.89 -1.44 35.60
CA VAL A 103 -2.40 -1.10 34.27
C VAL A 103 -2.35 0.42 34.13
N GLU A 104 -3.34 1.10 34.69
CA GLU A 104 -3.46 2.56 34.61
C GLU A 104 -2.35 3.28 35.36
N GLU A 105 -1.99 2.77 36.54
CA GLU A 105 -0.80 3.20 37.27
C GLU A 105 0.49 3.08 36.44
N LYS A 106 0.56 2.13 35.53
CA LYS A 106 1.76 1.90 34.74
C LYS A 106 1.98 2.86 33.56
N PHE A 107 0.90 3.51 33.08
CA PHE A 107 0.98 4.40 31.93
C PHE A 107 2.08 5.45 32.02
N PRO A 108 2.11 6.24 33.13
CA PRO A 108 3.15 7.28 33.21
C PRO A 108 4.54 6.71 33.10
N TYR A 109 4.75 5.54 33.72
CA TYR A 109 6.06 4.89 33.71
C TYR A 109 6.43 4.49 32.29
N MSE A 110 5.46 3.92 31.54
CA MSE A 110 5.66 3.48 30.13
C MSE A 110 6.00 4.63 29.20
O MSE A 110 6.91 4.53 28.38
CB MSE A 110 4.41 2.79 29.59
CG MSE A 110 4.10 1.47 30.25
SE MSE A 110 5.61 0.20 30.18
CE MSE A 110 6.55 0.56 31.93
N VAL A 111 5.24 5.72 29.33
CA VAL A 111 5.59 6.97 28.66
C VAL A 111 7.05 7.36 28.97
N GLU A 112 7.47 7.34 30.26
CA GLU A 112 8.87 7.70 30.64
C GLU A 112 9.87 6.78 29.95
N TRP A 113 9.61 5.49 29.96
CA TRP A 113 10.50 4.54 29.33
C TRP A 113 10.68 4.76 27.83
N TYR A 114 9.59 4.81 27.06
CA TYR A 114 9.72 5.04 25.61
C TYR A 114 10.36 6.41 25.27
N THR A 115 10.05 7.44 26.07
CA THR A 115 10.62 8.79 25.91
C THR A 115 12.12 8.82 26.18
N LYS A 116 12.53 8.20 27.27
CA LYS A 116 13.94 8.17 27.64
C LYS A 116 14.82 7.40 26.66
N SER A 117 14.29 6.26 26.17
CA SER A 117 15.02 5.33 25.31
C SER A 117 15.07 5.90 23.89
N HIS A 118 13.95 6.42 23.40
CA HIS A 118 13.93 7.23 22.17
C HIS A 118 14.91 8.40 22.28
N GLY A 119 14.94 9.08 23.41
CA GLY A 119 15.87 10.21 23.62
C GLY A 119 17.36 9.89 23.48
N LEU A 120 17.76 8.71 23.98
CA LEU A 120 19.10 8.19 23.82
C LEU A 120 19.44 7.92 22.36
N LEU A 121 18.44 7.46 21.61
CA LEU A 121 18.69 7.16 20.19
C LEU A 121 18.75 8.41 19.36
N ILE A 122 18.00 9.42 19.75
CA ILE A 122 18.07 10.72 19.07
C ILE A 122 19.47 11.31 19.24
N GLU A 123 20.12 11.01 20.38
CA GLU A 123 21.48 11.46 20.68
C GLU A 123 22.51 10.83 19.75
N GLN A 124 22.32 9.54 19.47
CA GLN A 124 23.24 8.76 18.63
C GLN A 124 23.40 9.21 17.17
N GLY A 125 22.44 9.97 16.65
CA GLY A 125 22.51 10.45 15.26
C GLY A 125 22.14 9.41 14.22
N ILE A 126 20.84 9.06 14.11
CA ILE A 126 20.38 8.09 13.12
C ILE A 126 19.86 8.71 11.79
N PRO A 127 20.61 8.55 10.68
CA PRO A 127 20.16 9.01 9.38
C PRO A 127 19.09 8.09 8.79
N LYS A 128 18.06 8.68 8.18
CA LYS A 128 17.11 7.90 7.46
C LYS A 128 17.79 7.04 6.37
N ALA A 129 18.77 7.63 5.70
CA ALA A 129 19.47 6.98 4.58
C ALA A 129 20.03 5.61 4.99
N LYS A 130 20.37 5.46 6.28
CA LYS A 130 21.09 4.30 6.78
C LYS A 130 20.19 3.16 7.26
N LEU A 131 18.89 3.40 7.38
CA LEU A 131 17.95 2.40 7.90
C LEU A 131 17.88 1.13 7.07
N LYS A 132 17.82 1.29 5.74
CA LYS A 132 17.92 0.17 4.82
C LYS A 132 19.05 -0.82 5.19
N GLU A 133 20.28 -0.31 5.25
CA GLU A 133 21.44 -1.15 5.59
C GLU A 133 21.41 -1.70 7.02
N ILE A 134 20.95 -0.89 7.98
CA ILE A 134 20.85 -1.30 9.37
C ILE A 134 19.91 -2.51 9.45
N VAL A 135 18.77 -2.43 8.75
CA VAL A 135 17.78 -3.49 8.73
C VAL A 135 18.33 -4.77 8.06
N ALA A 136 18.99 -4.61 6.88
CA ALA A 136 19.57 -5.71 6.12
C ALA A 136 20.62 -6.46 6.94
N ASP A 137 21.35 -5.72 7.77
CA ASP A 137 22.41 -6.28 8.60
C ASP A 137 21.90 -6.91 9.89
N SER A 138 20.63 -6.72 10.19
CA SER A 138 20.13 -7.07 11.51
C SER A 138 19.76 -8.53 11.56
N ASP A 139 19.44 -9.01 12.75
CA ASP A 139 19.03 -10.41 12.91
C ASP A 139 17.52 -10.61 12.97
N VAL A 140 16.77 -9.71 12.35
CA VAL A 140 15.31 -9.74 12.43
C VAL A 140 14.73 -10.93 11.63
N MSE A 141 13.64 -11.50 12.11
CA MSE A 141 13.07 -12.69 11.55
C MSE A 141 11.56 -12.60 11.55
O MSE A 141 10.96 -12.38 12.59
CB MSE A 141 13.48 -13.93 12.36
CG MSE A 141 14.90 -14.53 12.03
SE MSE A 141 14.90 -15.34 10.22
CE MSE A 141 16.24 -14.19 9.29
N LEU A 142 10.93 -12.82 10.40
CA LEU A 142 9.48 -12.86 10.38
C LEU A 142 9.04 -14.30 10.72
N LYS A 143 7.86 -14.43 11.32
CA LYS A 143 7.39 -15.76 11.66
C LYS A 143 7.35 -16.66 10.40
N GLU A 144 7.63 -17.96 10.61
CA GLU A 144 7.41 -19.01 9.62
C GLU A 144 5.99 -18.94 9.05
N GLY A 145 5.89 -18.87 7.72
CA GLY A 145 4.57 -18.75 7.07
C GLY A 145 4.13 -17.36 6.71
N TYR A 146 5.03 -16.37 6.87
CA TYR A 146 4.70 -14.97 6.60
C TYR A 146 4.43 -14.65 5.11
N GLU A 147 5.07 -15.37 4.21
CA GLU A 147 4.88 -15.13 2.77
C GLU A 147 3.45 -15.43 2.35
N ASN A 148 2.98 -16.56 2.85
CA ASN A 148 1.64 -17.04 2.68
C ASN A 148 0.62 -16.13 3.35
N PHE A 149 0.90 -15.74 4.58
CA PHE A 149 0.03 -14.87 5.36
C PHE A 149 -0.26 -13.59 4.57
N PHE A 150 0.79 -12.80 4.35
CA PHE A 150 0.74 -11.54 3.61
C PHE A 150 0.27 -11.72 2.17
N GLY A 151 0.67 -12.84 1.58
CA GLY A 151 0.35 -13.22 0.18
C GLY A 151 -1.09 -13.59 -0.11
N LYS A 152 -1.70 -14.44 0.71
CA LYS A 152 -3.13 -14.68 0.56
C LYS A 152 -3.94 -13.39 0.80
N LEU A 153 -3.54 -12.62 1.81
CA LEU A 153 -4.24 -11.40 2.16
C LEU A 153 -4.26 -10.39 1.01
N GLN A 154 -3.09 -10.14 0.41
CA GLN A 154 -2.96 -9.19 -0.69
C GLN A 154 -3.71 -9.69 -1.89
N GLN A 155 -3.64 -11.00 -2.14
CA GLN A 155 -4.33 -11.60 -3.28
C GLN A 155 -5.85 -11.37 -3.26
N HIS A 156 -6.40 -11.29 -2.05
CA HIS A 156 -7.84 -11.14 -1.85
C HIS A 156 -8.21 -9.71 -1.46
N GLY A 157 -7.19 -8.85 -1.31
CA GLY A 157 -7.38 -7.45 -0.99
C GLY A 157 -7.88 -7.20 0.44
N ILE A 158 -7.58 -8.12 1.37
CA ILE A 158 -7.96 -8.00 2.77
C ILE A 158 -7.13 -6.87 3.46
N PRO A 159 -7.82 -5.89 4.07
CA PRO A 159 -7.16 -4.85 4.85
C PRO A 159 -6.38 -5.42 6.05
N VAL A 160 -5.16 -4.94 6.24
CA VAL A 160 -4.31 -5.36 7.33
C VAL A 160 -3.85 -4.05 8.02
N PHE A 161 -4.18 -3.91 9.29
CA PHE A 161 -3.85 -2.73 10.05
C PHE A 161 -2.82 -3.21 11.04
N ILE A 162 -1.53 -2.87 10.78
CA ILE A 162 -0.48 -3.23 11.70
C ILE A 162 -0.35 -2.06 12.69
N PHE A 163 -0.55 -2.37 13.97
CA PHE A 163 -0.68 -1.36 15.02
C PHE A 163 0.40 -1.60 16.07
N SER A 164 1.46 -0.79 16.01
CA SER A 164 2.68 -1.14 16.70
C SER A 164 3.23 -0.03 17.59
N ALA A 165 3.63 -0.39 18.80
CA ALA A 165 4.34 0.54 19.67
C ALA A 165 5.85 0.55 19.39
N GLY A 166 6.29 -0.14 18.33
CA GLY A 166 7.70 -0.11 17.94
C GLY A 166 8.08 1.17 17.23
N ILE A 167 9.03 1.08 16.28
CA ILE A 167 9.46 2.21 15.45
C ILE A 167 8.99 1.95 14.04
N GLY A 168 8.12 2.82 13.52
CA GLY A 168 7.44 2.57 12.26
C GLY A 168 8.36 2.48 11.06
N ASP A 169 9.41 3.30 11.04
CA ASP A 169 10.33 3.39 9.90
C ASP A 169 11.09 2.08 9.75
N VAL A 170 11.47 1.52 10.89
CA VAL A 170 12.12 0.22 11.00
C VAL A 170 11.20 -0.92 10.55
N LEU A 171 10.00 -0.96 11.14
CA LEU A 171 9.00 -1.94 10.78
C LEU A 171 8.74 -1.97 9.27
N GLU A 172 8.64 -0.80 8.66
CA GLU A 172 8.31 -0.70 7.27
C GLU A 172 9.46 -1.24 6.42
N GLU A 173 10.70 -0.94 6.84
CA GLU A 173 11.87 -1.42 6.14
C GLU A 173 12.02 -2.94 6.24
N VAL A 174 11.68 -3.51 7.39
CA VAL A 174 11.67 -4.98 7.54
C VAL A 174 10.69 -5.63 6.55
N ILE A 175 9.45 -5.15 6.52
CA ILE A 175 8.47 -5.75 5.60
C ILE A 175 8.70 -5.46 4.13
N ARG A 176 9.26 -4.29 3.85
CA ARG A 176 9.66 -3.93 2.50
C ARG A 176 10.81 -4.85 2.02
N GLN A 177 11.84 -5.01 2.84
CA GLN A 177 12.91 -5.92 2.45
C GLN A 177 12.42 -7.37 2.38
N ALA A 178 11.43 -7.74 3.18
CA ALA A 178 10.83 -9.07 3.06
C ALA A 178 9.94 -9.29 1.82
N GLY A 179 9.65 -8.23 1.06
CA GLY A 179 8.73 -8.33 -0.09
C GLY A 179 7.23 -8.36 0.24
N VAL A 180 6.86 -8.04 1.46
CA VAL A 180 5.44 -8.22 1.86
C VAL A 180 4.73 -6.88 2.29
N TYR A 181 5.33 -5.75 1.99
CA TYR A 181 4.67 -4.47 2.29
C TYR A 181 3.74 -4.04 1.14
N HIS A 182 2.60 -4.74 1.02
CA HIS A 182 1.65 -4.56 -0.08
C HIS A 182 0.65 -3.42 0.20
N SER A 183 -0.13 -3.05 -0.82
CA SER A 183 -1.06 -1.92 -0.75
C SER A 183 -2.10 -2.06 0.38
N ASN A 184 -2.46 -3.31 0.69
CA ASN A 184 -3.47 -3.65 1.69
C ASN A 184 -2.94 -3.51 3.13
N VAL A 185 -1.64 -3.22 3.29
CA VAL A 185 -1.00 -3.17 4.60
C VAL A 185 -0.87 -1.70 5.03
N LYS A 186 -1.57 -1.32 6.10
CA LYS A 186 -1.46 0.03 6.67
C LYS A 186 -0.69 -0.12 7.99
N VAL A 187 0.32 0.75 8.20
CA VAL A 187 1.11 0.72 9.41
C VAL A 187 0.85 1.98 10.28
N VAL A 188 0.48 1.73 11.53
CA VAL A 188 0.34 2.81 12.53
C VAL A 188 1.35 2.51 13.63
N SER A 189 2.32 3.40 13.78
CA SER A 189 3.35 3.14 14.77
C SER A 189 3.94 4.46 15.28
N ASN A 190 5.07 4.35 15.98
CA ASN A 190 5.90 5.52 16.32
C ASN A 190 6.89 5.88 15.19
N PHE A 191 6.53 6.92 14.43
CA PHE A 191 7.37 7.31 13.30
C PHE A 191 8.38 8.38 13.66
N MSE A 192 9.56 8.24 13.10
CA MSE A 192 10.65 9.14 13.34
C MSE A 192 10.43 10.45 12.63
O MSE A 192 9.90 10.49 11.51
CB MSE A 192 11.93 8.53 12.81
CG MSE A 192 12.37 7.27 13.53
SE MSE A 192 14.09 6.62 12.80
CE MSE A 192 14.69 5.49 14.37
N ASP A 193 10.85 11.52 13.30
CA ASP A 193 10.86 12.88 12.77
C ASP A 193 12.29 13.24 12.41
N PHE A 194 12.51 13.62 11.16
CA PHE A 194 13.86 13.91 10.65
C PHE A 194 14.10 15.41 10.41
N ASP A 195 15.36 15.85 10.54
CA ASP A 195 15.70 17.26 10.31
C ASP A 195 16.09 17.53 8.85
N GLU A 196 16.51 18.76 8.56
CA GLU A 196 16.96 19.14 7.20
C GLU A 196 17.93 18.14 6.55
N ASN A 197 18.88 17.62 7.35
CA ASN A 197 19.90 16.66 6.92
C ASN A 197 19.45 15.18 6.87
N GLY A 198 18.16 14.96 7.10
CA GLY A 198 17.61 13.60 7.16
C GLY A 198 18.14 12.82 8.35
N VAL A 199 18.35 13.48 9.48
CA VAL A 199 18.83 12.85 10.72
C VAL A 199 17.72 12.84 11.79
N LEU A 200 17.53 11.71 12.47
CA LEU A 200 16.51 11.62 13.51
C LEU A 200 16.63 12.75 14.54
N LYS A 201 15.52 13.43 14.81
CA LYS A 201 15.47 14.42 15.91
C LYS A 201 14.31 14.27 16.91
N GLY A 202 13.44 13.31 16.70
CA GLY A 202 12.31 13.12 17.60
C GLY A 202 11.33 12.16 16.97
N PHE A 203 10.12 12.10 17.53
CA PHE A 203 9.08 11.17 17.04
C PHE A 203 7.77 11.89 16.73
N LYS A 204 7.05 11.40 15.74
CA LYS A 204 5.81 12.02 15.28
C LYS A 204 4.61 11.56 16.07
N GLY A 205 3.71 12.51 16.34
CA GLY A 205 2.37 12.19 16.84
C GLY A 205 2.34 11.90 18.32
N GLU A 206 1.32 11.18 18.76
CA GLU A 206 1.25 10.73 20.12
C GLU A 206 1.90 9.37 20.28
N LEU A 207 2.59 9.20 21.40
CA LEU A 207 3.28 7.96 21.67
C LEU A 207 2.30 6.76 21.69
N ILE A 208 2.64 5.68 20.98
CA ILE A 208 1.94 4.42 21.17
C ILE A 208 2.85 3.55 22.05
N HIS A 209 2.33 3.08 23.17
CA HIS A 209 3.04 2.11 23.96
C HIS A 209 2.16 0.91 24.17
N VAL A 210 2.62 -0.05 24.99
CA VAL A 210 1.90 -1.30 25.14
C VAL A 210 0.53 -1.16 25.81
N PHE A 211 0.32 -0.10 26.60
CA PHE A 211 -0.90 0.02 27.37
C PHE A 211 -1.97 0.98 26.84
N ASN A 212 -1.69 1.74 25.79
CA ASN A 212 -2.66 2.74 25.35
C ASN A 212 -3.17 2.52 23.94
N LYS A 213 -3.24 1.28 23.46
CA LYS A 213 -3.67 1.08 22.09
C LYS A 213 -5.14 1.46 21.84
N HIS A 214 -5.97 1.46 22.88
CA HIS A 214 -7.31 2.00 22.78
C HIS A 214 -7.36 3.42 22.22
N ASP A 215 -6.44 4.29 22.68
CA ASP A 215 -6.40 5.70 22.23
C ASP A 215 -6.11 5.77 20.72
N GLY A 216 -5.02 5.11 20.30
CA GLY A 216 -4.67 5.05 18.90
C GLY A 216 -5.76 4.45 18.03
N ALA A 217 -6.39 3.38 18.54
CA ALA A 217 -7.46 2.70 17.81
C ALA A 217 -8.59 3.64 17.48
N LEU A 218 -8.95 4.50 18.45
CA LEU A 218 -9.97 5.55 18.27
C LEU A 218 -9.56 6.72 17.37
N LYS A 219 -8.28 7.07 17.34
CA LYS A 219 -7.79 8.14 16.49
C LYS A 219 -7.46 7.69 15.05
N ASN A 220 -8.12 6.65 14.57
CA ASN A 220 -7.93 6.12 13.21
C ASN A 220 -9.27 5.85 12.55
N THR A 221 -10.16 6.80 12.79
CA THR A 221 -11.56 6.81 12.44
C THR A 221 -11.76 6.71 10.92
N ASP A 222 -11.05 7.56 10.20
CA ASP A 222 -11.00 7.54 8.75
C ASP A 222 -10.74 6.13 8.19
N TYR A 223 -9.69 5.45 8.69
CA TYR A 223 -9.39 4.10 8.25
C TYR A 223 -10.60 3.18 8.49
N PHE A 224 -11.01 3.04 9.75
CA PHE A 224 -12.08 2.11 10.11
C PHE A 224 -13.45 2.35 9.52
N SER A 225 -13.81 3.61 9.26
CA SER A 225 -15.13 3.92 8.68
C SER A 225 -15.18 3.68 7.16
N GLN A 226 -14.05 3.74 6.46
CA GLN A 226 -13.97 3.24 5.07
C GLN A 226 -14.18 1.71 5.00
N LEU A 227 -14.00 1.05 6.13
CA LEU A 227 -14.06 -0.41 6.22
C LEU A 227 -15.29 -0.92 6.98
N LYS A 228 -16.37 -0.14 6.96
CA LYS A 228 -17.62 -0.43 7.68
C LYS A 228 -18.12 -1.85 7.42
N ASP A 229 -17.97 -2.26 6.16
CA ASP A 229 -18.47 -3.55 5.72
C ASP A 229 -17.62 -4.72 6.20
N ASN A 230 -16.37 -4.45 6.59
CA ASN A 230 -15.46 -5.50 7.10
C ASN A 230 -15.69 -5.70 8.60
N SER A 231 -16.85 -6.26 8.84
CA SER A 231 -17.32 -6.51 10.20
C SER A 231 -16.82 -7.84 10.79
N ASN A 232 -16.01 -8.59 10.05
CA ASN A 232 -15.35 -9.81 10.57
C ASN A 232 -13.85 -9.50 10.77
N ILE A 233 -13.32 -9.73 11.97
CA ILE A 233 -11.93 -9.34 12.31
C ILE A 233 -11.17 -10.54 12.86
N ILE A 234 -9.95 -10.70 12.35
CA ILE A 234 -8.94 -11.46 13.05
C ILE A 234 -7.97 -10.48 13.68
N LEU A 235 -7.84 -10.58 15.00
CA LEU A 235 -6.88 -9.78 15.73
C LEU A 235 -5.71 -10.70 16.23
N LEU A 236 -4.48 -10.25 16.06
CA LEU A 236 -3.31 -10.98 16.53
C LEU A 236 -2.46 -10.04 17.40
N GLY A 237 -1.98 -10.54 18.53
CA GLY A 237 -1.30 -9.73 19.51
C GLY A 237 -0.39 -10.60 20.35
N ASP A 238 0.52 -10.00 21.06
CA ASP A 238 1.34 -10.75 22.02
C ASP A 238 1.18 -10.29 23.48
N SER A 239 0.25 -9.34 23.73
CA SER A 239 0.10 -8.81 25.08
C SER A 239 -1.34 -8.62 25.44
N GLN A 240 -1.65 -8.48 26.73
CA GLN A 240 -2.98 -8.03 27.13
C GLN A 240 -3.39 -6.70 26.45
N GLY A 241 -2.46 -5.73 26.39
CA GLY A 241 -2.69 -4.42 25.77
C GLY A 241 -3.21 -4.44 24.33
N ASP A 242 -2.78 -5.46 23.57
CA ASP A 242 -3.16 -5.64 22.19
C ASP A 242 -4.62 -6.02 22.02
N LEU A 243 -5.30 -6.40 23.08
CA LEU A 243 -6.73 -6.76 22.95
C LEU A 243 -7.59 -5.50 22.65
N ARG A 244 -6.98 -4.31 22.79
CA ARG A 244 -7.71 -3.05 22.62
C ARG A 244 -7.56 -2.53 21.20
N MSE A 245 -6.76 -3.21 20.37
CA MSE A 245 -6.44 -2.68 19.04
C MSE A 245 -7.66 -2.55 18.14
O MSE A 245 -7.59 -1.74 17.20
CB MSE A 245 -5.36 -3.49 18.33
CG MSE A 245 -4.01 -3.51 19.02
SE MSE A 245 -2.69 -4.41 17.95
CE MSE A 245 -3.55 -6.23 17.92
N ALA A 246 -8.74 -3.28 18.42
CA ALA A 246 -9.95 -3.20 17.62
C ALA A 246 -11.08 -2.28 18.18
N ASP A 247 -10.76 -1.42 19.16
CA ASP A 247 -11.73 -0.53 19.76
C ASP A 247 -12.28 0.52 18.77
N GLY A 248 -11.57 0.72 17.66
CA GLY A 248 -11.99 1.71 16.67
C GLY A 248 -12.94 1.15 15.61
N VAL A 249 -13.27 -0.13 15.69
CA VAL A 249 -14.00 -0.77 14.61
C VAL A 249 -15.48 -0.47 14.59
N ALA A 250 -15.87 0.08 13.45
CA ALA A 250 -17.23 0.50 13.17
C ALA A 250 -18.32 -0.49 13.67
N ASN A 251 -18.43 -1.67 13.04
CA ASN A 251 -19.40 -2.71 13.42
C ASN A 251 -18.66 -4.02 13.46
N VAL A 252 -18.94 -4.83 14.49
CA VAL A 252 -18.32 -6.15 14.62
C VAL A 252 -19.36 -7.25 14.56
N GLU A 253 -19.19 -8.18 13.63
CA GLU A 253 -20.06 -9.35 13.59
C GLU A 253 -19.33 -10.52 14.25
N HIS A 254 -18.10 -10.76 13.81
CA HIS A 254 -17.28 -11.84 14.35
C HIS A 254 -15.91 -11.30 14.55
N ILE A 255 -15.35 -11.53 15.71
CA ILE A 255 -13.95 -11.19 15.97
C ILE A 255 -13.24 -12.39 16.59
N LEU A 256 -12.09 -12.75 16.04
CA LEU A 256 -11.26 -13.81 16.61
C LEU A 256 -9.97 -13.20 17.15
N LYS A 257 -9.65 -13.46 18.41
CA LYS A 257 -8.48 -12.90 19.02
C LYS A 257 -7.44 -14.01 19.26
N ILE A 258 -6.29 -13.91 18.60
CA ILE A 258 -5.22 -14.93 18.66
C ILE A 258 -4.01 -14.29 19.34
N GLY A 259 -3.56 -14.90 20.44
CA GLY A 259 -2.48 -14.32 21.23
C GLY A 259 -1.22 -15.16 21.28
N TYR A 260 -0.09 -14.55 20.95
CA TYR A 260 1.20 -15.18 21.14
C TYR A 260 1.67 -14.98 22.56
N LEU A 261 1.78 -16.09 23.29
CA LEU A 261 2.34 -16.10 24.63
C LEU A 261 3.83 -16.57 24.59
N ASN A 262 4.74 -15.60 24.57
CA ASN A 262 6.15 -15.83 24.27
C ASN A 262 7.03 -16.01 25.50
N ASP A 263 6.49 -15.73 26.68
CA ASP A 263 7.25 -15.21 27.81
C ASP A 263 6.39 -15.31 29.07
N ARG A 264 6.98 -15.41 30.26
CA ARG A 264 6.19 -15.41 31.47
C ARG A 264 5.02 -16.41 31.28
N VAL A 265 5.32 -17.60 30.76
CA VAL A 265 4.25 -18.52 30.34
C VAL A 265 3.38 -18.99 31.50
N ASP A 266 4.01 -19.45 32.57
CA ASP A 266 3.29 -19.96 33.75
C ASP A 266 2.42 -18.91 34.44
N GLU A 267 3.02 -17.76 34.73
CA GLU A 267 2.33 -16.59 35.24
C GLU A 267 1.12 -16.18 34.37
N LEU A 268 1.26 -16.14 33.05
CA LEU A 268 0.23 -15.47 32.23
C LEU A 268 -0.75 -16.35 31.45
N LEU A 269 -0.44 -17.64 31.33
CA LEU A 269 -1.25 -18.59 30.56
C LEU A 269 -2.75 -18.50 30.84
N GLU A 270 -3.12 -18.58 32.11
CA GLU A 270 -4.53 -18.55 32.50
C GLU A 270 -5.20 -17.23 32.08
N LYS A 271 -4.48 -16.12 32.23
CA LYS A 271 -5.02 -14.83 31.85
C LYS A 271 -5.17 -14.69 30.35
N TYR A 272 -4.17 -15.14 29.59
CA TYR A 272 -4.25 -15.18 28.12
C TYR A 272 -5.37 -16.10 27.62
N MSE A 273 -5.50 -17.26 28.22
CA MSE A 273 -6.55 -18.20 27.79
C MSE A 273 -7.95 -17.64 28.04
O MSE A 273 -8.90 -17.93 27.26
CB MSE A 273 -6.36 -19.60 28.41
CG MSE A 273 -5.21 -20.37 27.78
SE MSE A 273 -5.05 -22.17 28.50
CE MSE A 273 -6.69 -23.05 27.70
N ASP A 274 -8.07 -16.82 29.07
CA ASP A 274 -9.33 -16.16 29.41
C ASP A 274 -9.72 -15.02 28.48
N SER A 275 -8.71 -14.34 27.93
CA SER A 275 -8.90 -13.11 27.14
C SER A 275 -8.73 -13.28 25.62
N TYR A 276 -7.75 -14.06 25.19
CA TYR A 276 -7.66 -14.46 23.78
C TYR A 276 -8.44 -15.74 23.56
N ASP A 277 -9.03 -15.89 22.37
CA ASP A 277 -9.77 -17.12 22.01
C ASP A 277 -8.80 -18.26 21.77
N ILE A 278 -7.70 -17.96 21.06
CA ILE A 278 -6.64 -18.94 20.81
C ILE A 278 -5.35 -18.39 21.35
N VAL A 279 -4.65 -19.22 22.12
CA VAL A 279 -3.34 -18.82 22.70
C VAL A 279 -2.24 -19.71 22.08
N LEU A 280 -1.19 -19.08 21.56
CA LEU A 280 -0.13 -19.84 20.92
C LEU A 280 1.12 -19.70 21.75
N VAL A 281 1.52 -20.81 22.38
CA VAL A 281 2.57 -20.82 23.38
C VAL A 281 3.94 -21.11 22.78
N LYS A 282 4.83 -20.14 22.86
CA LYS A 282 6.20 -20.22 22.33
C LYS A 282 6.17 -20.77 20.91
N GLU A 283 5.47 -20.05 20.03
CA GLU A 283 5.15 -20.51 18.69
C GLU A 283 5.73 -19.50 17.71
N GLU A 284 6.61 -19.99 16.85
CA GLU A 284 7.33 -19.16 15.91
C GLU A 284 6.77 -19.14 14.49
N SER A 285 5.54 -19.63 14.31
CA SER A 285 4.92 -19.63 12.97
C SER A 285 3.56 -19.02 12.94
N LEU A 286 3.05 -18.77 11.71
CA LEU A 286 1.69 -18.23 11.46
C LEU A 286 0.71 -19.29 10.91
N GLU A 287 1.00 -20.55 11.11
CA GLU A 287 0.23 -21.60 10.47
C GLU A 287 -1.20 -21.79 11.00
N VAL A 288 -1.47 -21.49 12.26
CA VAL A 288 -2.86 -21.47 12.75
C VAL A 288 -3.69 -20.38 12.06
N VAL A 289 -3.15 -19.15 12.00
CA VAL A 289 -3.84 -18.12 11.27
C VAL A 289 -3.92 -18.40 9.76
N ASN A 290 -2.82 -18.83 9.14
CA ASN A 290 -2.90 -19.31 7.74
C ASN A 290 -3.98 -20.37 7.50
N SER A 291 -4.15 -21.33 8.43
CA SER A 291 -5.19 -22.38 8.29
C SER A 291 -6.60 -21.82 8.26
N ILE A 292 -6.85 -20.76 9.03
CA ILE A 292 -8.15 -20.10 9.06
C ILE A 292 -8.39 -19.28 7.77
N LEU A 293 -7.38 -18.53 7.33
CA LEU A 293 -7.43 -17.85 6.02
C LEU A 293 -7.70 -18.80 4.87
N GLN A 294 -7.05 -19.95 4.88
CA GLN A 294 -7.28 -20.98 3.87
C GLN A 294 -8.76 -21.40 3.75
N LYS A 295 -9.39 -21.69 4.88
CA LYS A 295 -10.83 -22.00 4.90
C LYS A 295 -11.70 -20.80 4.49
N THR A 296 -11.24 -19.58 4.81
CA THR A 296 -12.04 -18.35 4.71
C THR A 296 -11.98 -17.71 3.32
N LEU A 297 -10.78 -17.62 2.76
CA LEU A 297 -10.60 -16.83 1.55
C LEU A 297 -10.98 -17.63 0.30
N ALA B 7 26.84 15.28 -13.55
CA ALA B 7 26.23 16.01 -14.69
C ALA B 7 25.45 15.07 -15.63
N VAL B 8 24.37 15.55 -16.23
CA VAL B 8 23.53 14.69 -17.05
C VAL B 8 23.79 14.93 -18.52
N HIS B 9 24.04 13.86 -19.25
CA HIS B 9 24.19 13.96 -20.70
C HIS B 9 23.33 12.91 -21.34
N LEU B 10 22.29 13.37 -22.03
CA LEU B 10 21.33 12.47 -22.64
C LEU B 10 21.97 11.71 -23.78
N LYS B 11 23.02 12.27 -24.38
CA LYS B 11 23.79 11.59 -25.43
C LYS B 11 24.47 10.33 -24.94
N MSE B 12 24.72 10.25 -23.64
CA MSE B 12 25.42 9.11 -23.05
C MSE B 12 24.48 8.15 -22.36
O MSE B 12 24.93 7.26 -21.65
CB MSE B 12 26.50 9.56 -22.08
CG MSE B 12 27.41 10.65 -22.63
SE MSE B 12 29.07 10.74 -21.62
CE MSE B 12 28.34 11.14 -19.95
N MSE B 13 23.19 8.32 -22.58
CA MSE B 13 22.21 7.39 -22.02
C MSE B 13 21.57 6.70 -23.22
O MSE B 13 20.76 7.30 -23.91
CB MSE B 13 21.17 8.12 -21.17
CG MSE B 13 21.72 8.86 -19.95
SE MSE B 13 20.45 10.10 -19.04
CE MSE B 13 19.36 8.81 -18.03
N PRO B 14 21.95 5.41 -23.47
CA PRO B 14 21.48 4.62 -24.62
C PRO B 14 19.94 4.52 -24.70
N GLU B 15 19.27 4.69 -23.57
CA GLU B 15 17.81 4.68 -23.51
C GLU B 15 17.21 5.89 -24.23
N PHE B 16 17.92 7.02 -24.18
CA PHE B 16 17.52 8.25 -24.89
C PHE B 16 17.83 8.33 -26.39
N GLN B 17 18.55 7.32 -26.88
CA GLN B 17 18.91 7.28 -28.29
C GLN B 17 17.92 6.46 -29.12
N LYS B 18 17.02 5.75 -28.47
CA LYS B 18 15.95 5.05 -29.19
C LYS B 18 15.20 6.05 -30.07
N SER B 19 14.82 5.63 -31.27
CA SER B 19 14.21 6.54 -32.23
C SER B 19 12.81 7.00 -31.82
N SER B 20 12.22 6.35 -30.81
CA SER B 20 10.90 6.70 -30.29
C SER B 20 10.94 7.89 -29.35
N VAL B 21 12.14 8.25 -28.89
CA VAL B 21 12.36 9.35 -27.94
C VAL B 21 12.40 10.72 -28.64
N ARG B 22 11.42 11.59 -28.38
CA ARG B 22 11.42 12.95 -29.01
C ARG B 22 11.44 14.05 -27.95
N ILE B 23 12.43 14.93 -28.05
CA ILE B 23 12.70 15.92 -27.00
C ILE B 23 12.98 17.26 -27.64
N LYS B 24 12.08 18.20 -27.47
CA LYS B 24 12.23 19.54 -28.03
C LYS B 24 13.46 20.28 -27.47
N ASN B 25 13.60 20.21 -26.15
CA ASN B 25 14.56 21.02 -25.43
C ASN B 25 15.44 20.19 -24.52
N PRO B 26 16.46 19.51 -25.11
CA PRO B 26 17.31 18.57 -24.36
C PRO B 26 18.17 19.21 -23.21
N THR B 27 18.65 20.44 -23.40
CA THR B 27 19.42 21.11 -22.35
C THR B 27 18.57 21.33 -21.09
N ARG B 28 17.32 21.74 -21.30
CA ARG B 28 16.35 21.89 -20.25
C ARG B 28 16.06 20.56 -19.56
N VAL B 29 15.84 19.50 -20.34
CA VAL B 29 15.58 18.13 -19.79
C VAL B 29 16.77 17.67 -18.95
N GLU B 30 17.97 17.90 -19.46
CA GLU B 30 19.19 17.58 -18.67
C GLU B 30 19.22 18.34 -17.37
N GLU B 31 18.88 19.62 -17.41
CA GLU B 31 18.76 20.43 -16.22
C GLU B 31 17.73 19.89 -15.19
N ILE B 32 16.55 19.47 -15.64
CA ILE B 32 15.54 18.92 -14.72
C ILE B 32 15.99 17.59 -14.08
N ILE B 33 16.49 16.67 -14.93
CA ILE B 33 16.96 15.36 -14.47
C ILE B 33 18.09 15.55 -13.48
N CYS B 34 18.94 16.55 -13.74
CA CYS B 34 19.99 16.91 -12.80
C CYS B 34 19.46 17.27 -11.41
N GLY B 35 18.42 18.12 -11.36
CA GLY B 35 17.71 18.43 -10.10
C GLY B 35 17.10 17.21 -9.42
N LEU B 36 16.53 16.32 -10.22
CA LEU B 36 15.98 15.05 -9.71
C LEU B 36 17.03 14.20 -8.97
N ILE B 37 18.24 14.17 -9.54
CA ILE B 37 19.35 13.34 -9.04
C ILE B 37 19.92 13.95 -7.77
N LYS B 38 20.06 15.28 -7.77
CA LYS B 38 20.51 16.00 -6.56
C LYS B 38 19.59 15.73 -5.38
N GLY B 39 18.29 15.74 -5.60
CA GLY B 39 17.30 15.55 -4.56
C GLY B 39 17.20 14.14 -4.03
N GLY B 40 17.52 13.13 -4.85
CA GLY B 40 17.62 11.74 -4.39
C GLY B 40 16.23 11.20 -4.10
N ALA B 41 16.16 10.05 -3.45
CA ALA B 41 14.88 9.46 -3.00
C ALA B 41 14.02 10.38 -2.15
N ALA B 42 14.66 11.11 -1.24
CA ALA B 42 13.97 11.94 -0.23
C ALA B 42 13.01 12.99 -0.80
N LYS B 43 13.32 13.44 -2.00
CA LYS B 43 12.53 14.48 -2.63
C LYS B 43 11.62 14.01 -3.75
N LEU B 44 11.66 12.73 -4.10
CA LEU B 44 10.93 12.28 -5.29
C LEU B 44 9.50 11.79 -5.01
N GLN B 45 8.59 12.06 -5.94
CA GLN B 45 7.36 11.32 -6.06
C GLN B 45 6.97 11.13 -7.53
N ILE B 46 6.12 10.12 -7.78
CA ILE B 46 5.63 9.84 -9.15
C ILE B 46 4.16 10.14 -9.18
N ILE B 47 3.72 10.73 -10.29
CA ILE B 47 2.32 11.00 -10.60
C ILE B 47 2.11 10.47 -12.00
N THR B 48 1.13 9.59 -12.18
CA THR B 48 1.05 8.80 -13.37
C THR B 48 -0.37 8.41 -13.71
N ASP B 49 -0.69 8.48 -15.00
CA ASP B 49 -1.84 7.82 -15.55
C ASP B 49 -1.56 6.33 -15.63
N PHE B 50 -2.59 5.56 -15.96
CA PHE B 50 -2.45 4.12 -16.06
C PHE B 50 -2.62 3.64 -17.49
N ASP B 51 -3.85 3.73 -18.02
CA ASP B 51 -4.17 3.11 -19.32
C ASP B 51 -3.27 3.73 -20.40
N MSE B 52 -2.49 2.88 -21.08
CA MSE B 52 -1.67 3.25 -22.22
C MSE B 52 -0.46 4.06 -21.80
O MSE B 52 0.32 4.49 -22.63
CB MSE B 52 -2.47 4.02 -23.28
CG MSE B 52 -3.91 3.63 -23.40
SE MSE B 52 -4.20 1.89 -24.19
CE MSE B 52 -4.11 0.68 -22.78
N THR B 53 -0.33 4.25 -20.50
CA THR B 53 0.81 4.87 -19.88
C THR B 53 1.65 3.81 -19.14
N LEU B 54 1.05 3.14 -18.16
CA LEU B 54 1.74 1.99 -17.51
C LEU B 54 1.39 0.67 -18.18
N SER B 55 0.26 0.65 -18.90
CA SER B 55 -0.16 -0.49 -19.66
C SER B 55 0.15 -0.21 -21.16
N ARG B 56 0.26 -1.29 -21.94
CA ARG B 56 0.61 -1.20 -23.34
C ARG B 56 -0.57 -0.80 -24.19
N PHE B 57 -0.31 0.00 -25.22
CA PHE B 57 -1.31 0.38 -26.21
C PHE B 57 -1.50 -0.74 -27.21
N SER B 58 -0.39 -1.41 -27.56
CA SER B 58 -0.46 -2.62 -28.41
C SER B 58 0.67 -3.63 -28.16
N TYR B 59 0.37 -4.91 -28.39
CA TYR B 59 1.36 -5.98 -28.18
C TYR B 59 1.89 -6.68 -29.44
N ASN B 60 1.24 -7.78 -29.87
CA ASN B 60 1.82 -8.66 -30.96
C ASN B 60 0.90 -9.47 -31.90
N GLY B 61 0.35 -8.83 -32.95
CA GLY B 61 0.57 -7.43 -33.19
C GLY B 61 -0.66 -6.66 -32.80
N LYS B 62 -1.05 -6.73 -31.52
CA LYS B 62 -2.40 -6.33 -31.22
C LYS B 62 -2.66 -5.24 -30.20
N ARG B 63 -3.85 -4.69 -30.38
CA ARG B 63 -4.38 -3.60 -29.65
C ARG B 63 -4.76 -4.15 -28.29
N CYS B 64 -4.17 -3.56 -27.23
CA CYS B 64 -4.40 -4.00 -25.86
C CYS B 64 -5.59 -3.30 -25.19
N PRO B 65 -6.26 -3.98 -24.23
CA PRO B 65 -7.42 -3.36 -23.63
C PRO B 65 -7.06 -2.32 -22.57
N THR B 66 -7.86 -1.27 -22.49
CA THR B 66 -7.94 -0.43 -21.27
C THR B 66 -8.74 -1.19 -20.18
N CYS B 67 -8.65 -0.69 -18.94
CA CYS B 67 -9.49 -1.16 -17.80
C CYS B 67 -10.95 -1.28 -18.11
N HIS B 68 -11.50 -0.26 -18.78
CA HIS B 68 -12.89 -0.30 -19.25
C HIS B 68 -13.09 -1.41 -20.27
N ASN B 69 -12.17 -1.56 -21.22
CA ASN B 69 -12.25 -2.61 -22.28
C ASN B 69 -12.30 -4.04 -21.73
N ILE B 70 -11.63 -4.24 -20.60
CA ILE B 70 -11.55 -5.50 -19.91
C ILE B 70 -12.95 -5.99 -19.54
N ILE B 71 -13.81 -5.09 -19.04
CA ILE B 71 -15.20 -5.44 -18.73
C ILE B 71 -16.04 -5.55 -20.00
N ASP B 72 -15.90 -4.54 -20.86
CA ASP B 72 -16.56 -4.53 -22.17
C ASP B 72 -16.48 -5.91 -22.81
N ASN B 73 -15.28 -6.49 -22.76
CA ASN B 73 -14.96 -7.68 -23.54
C ASN B 73 -15.12 -9.01 -22.83
N CYS B 74 -15.52 -8.98 -21.55
CA CYS B 74 -15.54 -10.17 -20.74
C CYS B 74 -16.81 -11.00 -20.93
N LYS B 75 -16.83 -12.21 -20.36
CA LYS B 75 -17.89 -13.19 -20.59
C LYS B 75 -19.25 -12.78 -19.96
N LEU B 76 -19.20 -11.77 -19.09
CA LEU B 76 -20.41 -11.26 -18.42
C LEU B 76 -21.19 -10.21 -19.22
N VAL B 77 -20.60 -9.75 -20.32
CA VAL B 77 -21.15 -8.68 -21.13
C VAL B 77 -21.54 -9.24 -22.51
N THR B 78 -22.79 -9.01 -22.89
CA THR B 78 -23.38 -9.50 -24.16
C THR B 78 -22.88 -8.77 -25.42
N ASP B 79 -22.90 -9.47 -26.55
CA ASP B 79 -22.60 -8.89 -27.87
C ASP B 79 -23.42 -7.63 -28.20
N GLU B 80 -24.71 -7.63 -27.82
CA GLU B 80 -25.54 -6.42 -27.99
C GLU B 80 -25.02 -5.29 -27.13
N CYS B 81 -24.64 -5.58 -25.89
CA CYS B 81 -24.08 -4.53 -25.07
C CYS B 81 -22.80 -3.94 -25.69
N ARG B 82 -21.95 -4.80 -26.26
CA ARG B 82 -20.75 -4.33 -26.93
C ARG B 82 -21.02 -3.53 -28.19
N ARG B 83 -22.09 -3.88 -28.90
CA ARG B 83 -22.53 -3.13 -30.07
C ARG B 83 -22.92 -1.69 -29.62
N LYS B 84 -23.63 -1.59 -28.50
CA LYS B 84 -24.05 -0.30 -27.98
C LYS B 84 -22.84 0.49 -27.53
N LEU B 85 -21.94 -0.16 -26.79
CA LEU B 85 -20.70 0.46 -26.32
C LEU B 85 -19.84 1.02 -27.46
N LEU B 86 -19.79 0.26 -28.57
CA LEU B 86 -19.02 0.64 -29.74
C LEU B 86 -19.61 1.88 -30.41
N GLN B 87 -20.93 1.90 -30.57
CA GLN B 87 -21.69 3.05 -31.09
C GLN B 87 -21.47 4.31 -30.27
N LEU B 88 -21.48 4.18 -28.94
CA LEU B 88 -21.17 5.27 -28.02
C LEU B 88 -19.78 5.85 -28.27
N LYS B 89 -18.83 4.94 -28.48
CA LYS B 89 -17.42 5.28 -28.68
C LYS B 89 -17.26 6.04 -29.99
N GLU B 90 -17.95 5.56 -31.04
CA GLU B 90 -17.85 6.16 -32.34
C GLU B 90 -18.32 7.63 -32.33
N GLN B 91 -19.43 7.91 -31.66
CA GLN B 91 -19.99 9.26 -31.62
C GLN B 91 -19.24 10.19 -30.69
N TYR B 92 -18.82 9.67 -29.54
CA TYR B 92 -18.19 10.49 -28.51
C TYR B 92 -16.71 10.68 -28.73
N TYR B 93 -16.05 9.70 -29.37
CA TYR B 93 -14.64 9.87 -29.64
C TYR B 93 -14.45 10.94 -30.70
N ALA B 94 -15.35 11.00 -31.67
CA ALA B 94 -15.35 12.07 -32.67
C ALA B 94 -15.36 13.47 -32.02
N ILE B 95 -16.06 13.59 -30.89
CA ILE B 95 -16.12 14.83 -30.15
C ILE B 95 -14.76 15.04 -29.45
N GLU B 96 -14.35 14.06 -28.64
CA GLU B 96 -13.04 14.08 -28.00
C GLU B 96 -11.91 14.65 -28.86
N VAL B 97 -11.84 14.20 -30.11
CA VAL B 97 -10.70 14.50 -30.95
C VAL B 97 -11.03 15.59 -31.92
N ASP B 98 -12.14 16.27 -31.67
CA ASP B 98 -12.64 17.31 -32.57
C ASP B 98 -11.81 18.56 -32.45
N PRO B 99 -11.19 19.00 -33.55
CA PRO B 99 -10.25 20.13 -33.46
C PRO B 99 -10.85 21.53 -33.26
N VAL B 100 -12.13 21.73 -33.56
CA VAL B 100 -12.75 23.06 -33.44
C VAL B 100 -13.21 23.39 -32.01
N LEU B 101 -13.78 22.39 -31.34
CA LEU B 101 -14.32 22.52 -30.01
C LEU B 101 -13.20 22.77 -29.00
N THR B 102 -13.43 23.69 -28.07
CA THR B 102 -12.46 23.93 -27.00
C THR B 102 -12.54 22.77 -26.01
N VAL B 103 -11.49 22.59 -25.22
CA VAL B 103 -11.46 21.53 -24.21
C VAL B 103 -12.67 21.65 -23.32
N GLU B 104 -12.95 22.88 -22.90
CA GLU B 104 -14.04 23.19 -21.97
C GLU B 104 -15.41 22.81 -22.54
N GLU B 105 -15.65 23.16 -23.81
CA GLU B 105 -16.81 22.66 -24.57
C GLU B 105 -16.98 21.12 -24.54
N LYS B 106 -15.87 20.38 -24.48
CA LYS B 106 -15.92 18.91 -24.51
C LYS B 106 -16.35 18.23 -23.20
N PHE B 107 -16.17 18.93 -22.07
CA PHE B 107 -16.48 18.40 -20.75
C PHE B 107 -17.85 17.73 -20.65
N PRO B 108 -18.94 18.46 -21.02
CA PRO B 108 -20.26 17.82 -20.83
C PRO B 108 -20.42 16.55 -21.64
N TYR B 109 -19.83 16.55 -22.84
CA TYR B 109 -19.87 15.42 -23.74
C TYR B 109 -19.18 14.23 -23.12
N MSE B 110 -18.00 14.45 -22.50
CA MSE B 110 -17.18 13.37 -21.84
C MSE B 110 -17.89 12.79 -20.64
O MSE B 110 -17.90 11.56 -20.47
CB MSE B 110 -15.81 13.87 -21.35
CG MSE B 110 -14.95 14.39 -22.45
SE MSE B 110 -14.53 12.96 -23.75
CE MSE B 110 -15.82 13.41 -25.20
N VAL B 111 -18.42 13.68 -19.79
CA VAL B 111 -19.35 13.26 -18.73
C VAL B 111 -20.45 12.33 -19.31
N GLU B 112 -21.11 12.72 -20.41
CA GLU B 112 -22.18 11.89 -21.03
C GLU B 112 -21.65 10.54 -21.45
N TRP B 113 -20.49 10.55 -22.09
CA TRP B 113 -19.90 9.31 -22.55
C TRP B 113 -19.61 8.33 -21.42
N TYR B 114 -18.80 8.73 -20.43
CA TYR B 114 -18.47 7.81 -19.32
C TYR B 114 -19.74 7.39 -18.53
N THR B 115 -20.71 8.28 -18.36
CA THR B 115 -21.98 7.98 -17.69
C THR B 115 -22.84 6.96 -18.46
N LYS B 116 -22.93 7.13 -19.77
CA LYS B 116 -23.70 6.21 -20.60
C LYS B 116 -23.10 4.81 -20.66
N SER B 117 -21.78 4.75 -20.78
CA SER B 117 -21.04 3.50 -20.97
C SER B 117 -20.97 2.74 -19.64
N HIS B 118 -20.68 3.46 -18.55
CA HIS B 118 -20.82 2.90 -17.21
C HIS B 118 -22.25 2.38 -16.97
N GLY B 119 -23.26 3.13 -17.43
CA GLY B 119 -24.67 2.71 -17.33
C GLY B 119 -25.02 1.36 -17.97
N LEU B 120 -24.51 1.15 -19.18
CA LEU B 120 -24.63 -0.12 -19.87
C LEU B 120 -23.98 -1.26 -19.11
N LEU B 121 -22.86 -0.97 -18.45
CA LEU B 121 -22.15 -1.99 -17.68
C LEU B 121 -22.86 -2.33 -16.40
N ILE B 122 -23.48 -1.34 -15.77
CA ILE B 122 -24.30 -1.57 -14.57
C ILE B 122 -25.47 -2.51 -14.91
N GLU B 123 -25.97 -2.42 -16.16
CA GLU B 123 -27.08 -3.26 -16.66
C GLU B 123 -26.68 -4.73 -16.78
N GLN B 124 -25.44 -4.96 -17.19
CA GLN B 124 -24.91 -6.29 -17.46
C GLN B 124 -24.74 -7.19 -16.24
N GLY B 125 -24.69 -6.61 -15.03
CA GLY B 125 -24.59 -7.40 -13.81
C GLY B 125 -23.16 -7.84 -13.48
N ILE B 126 -22.29 -6.91 -13.13
CA ILE B 126 -20.91 -7.27 -12.76
C ILE B 126 -20.65 -7.52 -11.25
N PRO B 127 -20.45 -8.80 -10.85
CA PRO B 127 -20.11 -9.09 -9.45
C PRO B 127 -18.67 -8.75 -9.12
N LYS B 128 -18.43 -8.24 -7.92
CA LYS B 128 -17.07 -8.00 -7.48
C LYS B 128 -16.27 -9.31 -7.46
N ALA B 129 -16.90 -10.39 -7.02
CA ALA B 129 -16.25 -11.70 -6.90
C ALA B 129 -15.57 -12.17 -8.21
N LYS B 130 -16.16 -11.75 -9.34
CA LYS B 130 -15.72 -12.21 -10.66
C LYS B 130 -14.59 -11.40 -11.30
N LEU B 131 -14.23 -10.26 -10.71
CA LEU B 131 -13.23 -9.38 -11.32
C LEU B 131 -11.84 -10.02 -11.43
N LYS B 132 -11.42 -10.72 -10.37
CA LYS B 132 -10.19 -11.52 -10.38
C LYS B 132 -10.08 -12.40 -11.65
N GLU B 133 -11.06 -13.27 -11.87
CA GLU B 133 -11.02 -14.12 -13.06
C GLU B 133 -11.15 -13.36 -14.38
N ILE B 134 -11.99 -12.32 -14.42
CA ILE B 134 -12.16 -11.51 -15.62
C ILE B 134 -10.79 -10.94 -16.05
N VAL B 135 -10.04 -10.41 -15.09
CA VAL B 135 -8.73 -9.80 -15.33
C VAL B 135 -7.68 -10.85 -15.74
N ALA B 136 -7.70 -12.01 -15.06
CA ALA B 136 -6.82 -13.15 -15.36
C ALA B 136 -6.99 -13.63 -16.78
N ASP B 137 -8.24 -13.62 -17.26
CA ASP B 137 -8.60 -14.06 -18.60
C ASP B 137 -8.36 -13.02 -19.70
N SER B 138 -8.07 -11.80 -19.30
CA SER B 138 -8.05 -10.71 -20.25
C SER B 138 -6.70 -10.62 -20.95
N ASP B 139 -6.64 -9.75 -21.95
CA ASP B 139 -5.42 -9.56 -22.72
C ASP B 139 -4.59 -8.34 -22.28
N VAL B 140 -4.72 -7.97 -21.01
CA VAL B 140 -4.04 -6.77 -20.48
C VAL B 140 -2.51 -6.99 -20.41
N MSE B 141 -1.77 -5.90 -20.63
CA MSE B 141 -0.33 -6.00 -20.72
C MSE B 141 0.25 -4.78 -20.07
O MSE B 141 -0.11 -3.65 -20.46
CB MSE B 141 0.14 -6.05 -22.19
CG MSE B 141 0.15 -7.45 -22.88
SE MSE B 141 1.46 -8.68 -22.03
CE MSE B 141 0.21 -9.98 -21.13
N LEU B 142 1.16 -4.96 -19.13
CA LEU B 142 1.89 -3.83 -18.58
C LEU B 142 3.09 -3.51 -19.48
N LYS B 143 3.50 -2.23 -19.55
CA LYS B 143 4.67 -1.91 -20.34
C LYS B 143 5.91 -2.76 -19.96
N GLU B 144 6.72 -3.11 -20.98
CA GLU B 144 8.04 -3.69 -20.78
C GLU B 144 8.87 -2.88 -19.77
N GLY B 145 9.40 -3.54 -18.74
CA GLY B 145 10.13 -2.83 -17.70
C GLY B 145 9.34 -2.41 -16.45
N TYR B 146 8.10 -2.87 -16.33
CA TYR B 146 7.23 -2.54 -15.19
C TYR B 146 7.69 -3.15 -13.86
N GLU B 147 8.29 -4.34 -13.89
CA GLU B 147 8.79 -5.00 -12.66
C GLU B 147 9.85 -4.11 -12.01
N ASN B 148 10.78 -3.64 -12.82
CA ASN B 148 11.78 -2.69 -12.41
C ASN B 148 11.28 -1.35 -11.95
N PHE B 149 10.35 -0.79 -12.73
CA PHE B 149 9.75 0.50 -12.42
C PHE B 149 9.17 0.49 -11.00
N PHE B 150 8.16 -0.35 -10.79
CA PHE B 150 7.49 -0.50 -9.50
C PHE B 150 8.44 -0.98 -8.39
N GLY B 151 9.34 -1.88 -8.75
CA GLY B 151 10.36 -2.47 -7.88
C GLY B 151 11.39 -1.51 -7.31
N LYS B 152 12.06 -0.72 -8.14
CA LYS B 152 12.94 0.32 -7.59
C LYS B 152 12.16 1.29 -6.73
N LEU B 153 10.95 1.66 -7.16
CA LEU B 153 10.19 2.66 -6.44
C LEU B 153 9.81 2.19 -5.03
N GLN B 154 9.32 0.95 -4.92
CA GLN B 154 8.96 0.38 -3.65
C GLN B 154 10.19 0.22 -2.78
N GLN B 155 11.32 -0.26 -3.34
CA GLN B 155 12.50 -0.48 -2.51
C GLN B 155 13.05 0.81 -1.86
N HIS B 156 12.77 1.93 -2.52
CA HIS B 156 13.18 3.24 -2.02
C HIS B 156 12.05 4.01 -1.35
N GLY B 157 10.85 3.41 -1.33
CA GLY B 157 9.67 3.98 -0.70
C GLY B 157 9.16 5.24 -1.37
N ILE B 158 9.36 5.36 -2.69
CA ILE B 158 8.91 6.53 -3.46
C ILE B 158 7.37 6.47 -3.65
N PRO B 159 6.65 7.54 -3.26
CA PRO B 159 5.21 7.64 -3.47
C PRO B 159 4.87 7.62 -4.96
N VAL B 160 3.86 6.83 -5.33
CA VAL B 160 3.36 6.72 -6.69
C VAL B 160 1.85 7.00 -6.59
N PHE B 161 1.40 8.04 -7.29
CA PHE B 161 0.01 8.42 -7.29
C PHE B 161 -0.45 8.08 -8.69
N ILE B 162 -1.17 6.94 -8.81
CA ILE B 162 -1.75 6.53 -10.07
C ILE B 162 -3.14 7.19 -10.16
N PHE B 163 -3.34 8.02 -11.20
CA PHE B 163 -4.49 8.93 -11.30
C PHE B 163 -5.20 8.63 -12.62
N SER B 164 -6.29 7.85 -12.53
CA SER B 164 -6.83 7.21 -13.72
C SER B 164 -8.32 7.50 -13.96
N ALA B 165 -8.66 7.83 -15.21
CA ALA B 165 -10.07 7.95 -15.55
C ALA B 165 -10.69 6.60 -15.93
N GLY B 166 -9.97 5.49 -15.72
CA GLY B 166 -10.51 4.16 -15.99
C GLY B 166 -11.39 3.65 -14.85
N ILE B 167 -11.38 2.33 -14.62
CA ILE B 167 -12.17 1.68 -13.53
C ILE B 167 -11.19 1.22 -12.47
N GLY B 168 -11.31 1.79 -11.26
CA GLY B 168 -10.29 1.59 -10.24
C GLY B 168 -10.15 0.13 -9.79
N ASP B 169 -11.28 -0.56 -9.66
CA ASP B 169 -11.31 -1.96 -9.19
C ASP B 169 -10.52 -2.85 -10.15
N VAL B 170 -10.70 -2.58 -11.44
CA VAL B 170 -10.03 -3.29 -12.51
C VAL B 170 -8.53 -3.04 -12.51
N LEU B 171 -8.14 -1.77 -12.52
CA LEU B 171 -6.76 -1.34 -12.42
C LEU B 171 -6.00 -1.99 -11.23
N GLU B 172 -6.64 -1.98 -10.07
CA GLU B 172 -6.06 -2.52 -8.89
C GLU B 172 -5.83 -4.04 -9.04
N GLU B 173 -6.80 -4.74 -9.64
CA GLU B 173 -6.69 -6.18 -9.89
C GLU B 173 -5.57 -6.53 -10.88
N VAL B 174 -5.45 -5.74 -11.93
CA VAL B 174 -4.30 -5.84 -12.85
C VAL B 174 -2.93 -5.77 -12.12
N ILE B 175 -2.72 -4.72 -11.35
CA ILE B 175 -1.44 -4.56 -10.63
C ILE B 175 -1.23 -5.53 -9.49
N ARG B 176 -2.31 -5.96 -8.86
CA ARG B 176 -2.24 -6.99 -7.83
C ARG B 176 -1.84 -8.36 -8.46
N GLN B 177 -2.51 -8.74 -9.54
CA GLN B 177 -2.13 -9.96 -10.23
C GLN B 177 -0.72 -9.82 -10.81
N ALA B 178 -0.31 -8.61 -11.17
CA ALA B 178 1.08 -8.42 -11.61
C ALA B 178 2.15 -8.44 -10.50
N GLY B 179 1.73 -8.46 -9.24
CA GLY B 179 2.68 -8.45 -8.11
C GLY B 179 3.27 -7.07 -7.82
N VAL B 180 2.69 -6.02 -8.37
CA VAL B 180 3.33 -4.68 -8.24
C VAL B 180 2.45 -3.63 -7.48
N TYR B 181 1.40 -4.08 -6.83
CA TYR B 181 0.57 -3.16 -6.05
C TYR B 181 1.08 -3.03 -4.62
N HIS B 182 2.19 -2.30 -4.49
CA HIS B 182 2.91 -2.15 -3.24
C HIS B 182 2.32 -1.01 -2.38
N SER B 183 2.81 -0.90 -1.14
CA SER B 183 2.29 0.05 -0.17
C SER B 183 2.41 1.50 -0.63
N ASN B 184 3.44 1.77 -1.44
CA ASN B 184 3.80 3.10 -1.92
C ASN B 184 2.91 3.53 -3.10
N VAL B 185 2.04 2.63 -3.57
CA VAL B 185 1.18 2.89 -4.71
C VAL B 185 -0.23 3.31 -4.25
N LYS B 186 -0.62 4.55 -4.53
CA LYS B 186 -1.96 5.03 -4.20
C LYS B 186 -2.71 5.14 -5.54
N VAL B 187 -3.93 4.61 -5.58
CA VAL B 187 -4.76 4.63 -6.76
C VAL B 187 -5.98 5.54 -6.57
N VAL B 188 -6.14 6.52 -7.46
CA VAL B 188 -7.29 7.42 -7.49
C VAL B 188 -7.97 7.20 -8.85
N SER B 189 -9.17 6.63 -8.84
CA SER B 189 -9.85 6.38 -10.10
C SER B 189 -11.37 6.41 -9.93
N ASN B 190 -12.08 5.91 -10.94
CA ASN B 190 -13.51 5.67 -10.85
C ASN B 190 -13.78 4.29 -10.21
N PHE B 191 -14.14 4.30 -8.93
CA PHE B 191 -14.39 3.04 -8.24
C PHE B 191 -15.84 2.63 -8.30
N MSE B 192 -16.07 1.33 -8.42
CA MSE B 192 -17.41 0.79 -8.51
C MSE B 192 -18.06 0.78 -7.16
O MSE B 192 -17.42 0.54 -6.13
CB MSE B 192 -17.36 -0.65 -9.00
CG MSE B 192 -16.98 -0.84 -10.45
SE MSE B 192 -16.72 -2.76 -10.87
CE MSE B 192 -16.54 -2.64 -12.84
N ASP B 193 -19.38 1.01 -7.19
CA ASP B 193 -20.25 0.94 -6.02
C ASP B 193 -21.05 -0.36 -6.10
N PHE B 194 -20.97 -1.18 -5.07
CA PHE B 194 -21.58 -2.53 -5.07
C PHE B 194 -22.79 -2.60 -4.12
N ASP B 195 -23.79 -3.40 -4.50
CA ASP B 195 -24.98 -3.56 -3.68
C ASP B 195 -24.76 -4.67 -2.65
N GLU B 196 -25.82 -5.01 -1.91
CA GLU B 196 -25.81 -6.09 -0.91
C GLU B 196 -25.11 -7.37 -1.39
N ASN B 197 -25.48 -7.78 -2.61
CA ASN B 197 -25.03 -9.03 -3.22
C ASN B 197 -23.62 -8.95 -3.84
N GLY B 198 -22.95 -7.83 -3.61
CA GLY B 198 -21.67 -7.57 -4.22
C GLY B 198 -21.77 -7.43 -5.74
N VAL B 199 -22.86 -6.85 -6.23
CA VAL B 199 -23.07 -6.64 -7.67
C VAL B 199 -22.97 -5.13 -7.99
N LEU B 200 -22.22 -4.78 -9.03
CA LEU B 200 -22.11 -3.38 -9.44
C LEU B 200 -23.47 -2.68 -9.60
N LYS B 201 -23.61 -1.51 -8.98
CA LYS B 201 -24.83 -0.69 -9.13
C LYS B 201 -24.59 0.78 -9.53
N GLY B 202 -23.33 1.18 -9.58
CA GLY B 202 -22.99 2.56 -9.90
C GLY B 202 -21.52 2.83 -9.61
N PHE B 203 -21.15 4.11 -9.60
CA PHE B 203 -19.75 4.50 -9.36
C PHE B 203 -19.60 5.48 -8.19
N LYS B 204 -18.47 5.42 -7.51
CA LYS B 204 -18.24 6.24 -6.33
C LYS B 204 -17.63 7.59 -6.70
N GLY B 205 -18.03 8.60 -5.92
CA GLY B 205 -17.39 9.90 -5.96
C GLY B 205 -17.76 10.74 -7.16
N GLU B 206 -16.86 11.64 -7.53
CA GLU B 206 -17.02 12.46 -8.70
C GLU B 206 -16.29 11.82 -9.87
N LEU B 207 -16.90 11.86 -11.04
CA LEU B 207 -16.33 11.24 -12.22
C LEU B 207 -14.99 11.85 -12.59
N ILE B 208 -14.00 10.99 -12.83
CA ILE B 208 -12.75 11.40 -13.42
C ILE B 208 -12.80 11.00 -14.89
N HIS B 209 -12.60 11.98 -15.77
CA HIS B 209 -12.49 11.72 -17.19
C HIS B 209 -11.22 12.35 -17.69
N VAL B 210 -10.98 12.29 -19.00
CA VAL B 210 -9.71 12.75 -19.58
C VAL B 210 -9.43 14.24 -19.43
N PHE B 211 -10.48 15.06 -19.27
CA PHE B 211 -10.30 16.51 -19.27
C PHE B 211 -10.42 17.22 -17.90
N ASN B 212 -10.76 16.51 -16.82
CA ASN B 212 -10.94 17.22 -15.55
C ASN B 212 -9.98 16.77 -14.46
N LYS B 213 -8.77 16.37 -14.81
CA LYS B 213 -7.88 15.87 -13.79
C LYS B 213 -7.40 16.95 -12.82
N HIS B 214 -7.44 18.21 -13.23
CA HIS B 214 -7.20 19.34 -12.34
C HIS B 214 -8.08 19.27 -11.11
N ASP B 215 -9.36 18.93 -11.32
CA ASP B 215 -10.36 18.85 -10.26
C ASP B 215 -10.00 17.80 -9.22
N GLY B 216 -9.80 16.56 -9.67
CA GLY B 216 -9.35 15.47 -8.83
C GLY B 216 -8.05 15.75 -8.13
N ALA B 217 -7.11 16.39 -8.85
CA ALA B 217 -5.78 16.68 -8.32
C ALA B 217 -5.87 17.58 -7.09
N LEU B 218 -6.78 18.57 -7.14
CA LEU B 218 -7.06 19.47 -6.00
C LEU B 218 -7.86 18.84 -4.85
N LYS B 219 -8.67 17.85 -5.13
CA LYS B 219 -9.43 17.15 -4.11
C LYS B 219 -8.67 15.98 -3.45
N ASN B 220 -7.35 16.06 -3.42
CA ASN B 220 -6.48 15.03 -2.80
C ASN B 220 -5.39 15.68 -1.96
N THR B 221 -5.78 16.73 -1.22
CA THR B 221 -4.86 17.57 -0.47
C THR B 221 -4.18 16.81 0.64
N ASP B 222 -4.96 15.97 1.30
CA ASP B 222 -4.45 15.08 2.33
C ASP B 222 -3.21 14.35 1.84
N TYR B 223 -3.35 13.63 0.72
CA TYR B 223 -2.22 12.96 0.11
C TYR B 223 -1.04 13.93 -0.09
N PHE B 224 -1.26 14.99 -0.88
CA PHE B 224 -0.17 15.87 -1.26
C PHE B 224 0.50 16.67 -0.17
N SER B 225 -0.24 17.00 0.89
CA SER B 225 0.35 17.77 1.98
C SER B 225 1.18 16.87 2.93
N GLN B 226 0.87 15.57 3.00
CA GLN B 226 1.75 14.63 3.70
C GLN B 226 3.10 14.54 2.99
N LEU B 227 3.13 14.89 1.71
CA LEU B 227 4.31 14.74 0.85
C LEU B 227 4.97 16.07 0.47
N LYS B 228 4.80 17.07 1.33
CA LYS B 228 5.34 18.41 1.13
C LYS B 228 6.82 18.46 0.74
N ASP B 229 7.59 17.53 1.33
CA ASP B 229 9.03 17.49 1.10
C ASP B 229 9.39 16.86 -0.26
N ASN B 230 8.46 16.11 -0.85
CA ASN B 230 8.65 15.47 -2.19
C ASN B 230 8.36 16.48 -3.31
N SER B 231 9.25 17.44 -3.39
CA SER B 231 9.09 18.56 -4.29
C SER B 231 9.70 18.28 -5.68
N ASN B 232 10.22 17.07 -5.88
CA ASN B 232 10.68 16.62 -7.22
C ASN B 232 9.66 15.61 -7.77
N ILE B 233 9.11 15.87 -8.95
CA ILE B 233 8.06 15.02 -9.52
C ILE B 233 8.44 14.53 -10.92
N ILE B 234 8.20 13.24 -11.14
CA ILE B 234 8.13 12.69 -12.47
C ILE B 234 6.67 12.42 -12.76
N LEU B 235 6.16 13.07 -13.78
CA LEU B 235 4.78 12.88 -14.23
C LEU B 235 4.78 12.07 -15.57
N LEU B 236 3.92 11.06 -15.68
CA LEU B 236 3.81 10.27 -16.92
C LEU B 236 2.34 10.26 -17.30
N GLY B 237 2.06 10.48 -18.58
CA GLY B 237 0.71 10.54 -19.07
C GLY B 237 0.68 10.18 -20.53
N ASP B 238 -0.50 10.00 -21.08
CA ASP B 238 -0.63 9.77 -22.52
C ASP B 238 -1.53 10.81 -23.24
N SER B 239 -1.98 11.84 -22.52
CA SER B 239 -2.86 12.84 -23.12
C SER B 239 -2.46 14.23 -22.71
N GLN B 240 -2.97 15.24 -23.40
CA GLN B 240 -2.87 16.61 -22.90
C GLN B 240 -3.48 16.79 -21.47
N GLY B 241 -4.63 16.16 -21.21
CA GLY B 241 -5.34 16.23 -19.93
C GLY B 241 -4.52 15.81 -18.73
N ASP B 242 -3.65 14.83 -18.95
CA ASP B 242 -2.76 14.31 -17.94
C ASP B 242 -1.72 15.33 -17.44
N LEU B 243 -1.51 16.43 -18.15
CA LEU B 243 -0.51 17.43 -17.72
C LEU B 243 -0.98 18.15 -16.43
N ARG B 244 -2.27 17.99 -16.10
CA ARG B 244 -2.91 18.69 -15.00
C ARG B 244 -2.85 17.86 -13.73
N MSE B 245 -2.37 16.62 -13.82
CA MSE B 245 -2.40 15.69 -12.70
C MSE B 245 -1.60 16.14 -11.47
O MSE B 245 -1.89 15.68 -10.37
CB MSE B 245 -1.94 14.29 -13.11
CG MSE B 245 -2.88 13.56 -14.10
SE MSE B 245 -2.25 11.72 -14.38
CE MSE B 245 -0.42 12.14 -15.01
N ALA B 246 -0.64 17.04 -11.67
CA ALA B 246 0.17 17.56 -10.56
C ALA B 246 -0.27 18.95 -10.02
N ASP B 247 -1.48 19.36 -10.34
CA ASP B 247 -2.02 20.66 -9.89
C ASP B 247 -2.19 20.74 -8.37
N GLY B 248 -2.24 19.58 -7.71
CA GLY B 248 -2.44 19.49 -6.29
C GLY B 248 -1.17 19.55 -5.47
N VAL B 249 -0.02 19.60 -6.13
CA VAL B 249 1.25 19.44 -5.43
C VAL B 249 1.67 20.68 -4.65
N ALA B 250 1.81 20.43 -3.35
CA ALA B 250 2.31 21.35 -2.35
C ALA B 250 3.36 22.38 -2.88
N ASN B 251 4.60 21.93 -3.08
CA ASN B 251 5.71 22.74 -3.56
C ASN B 251 6.44 21.93 -4.61
N VAL B 252 6.78 22.56 -5.73
CA VAL B 252 7.51 21.92 -6.83
C VAL B 252 8.86 22.57 -6.99
N GLU B 253 9.91 21.76 -6.96
CA GLU B 253 11.24 22.24 -7.24
C GLU B 253 11.64 21.83 -8.66
N HIS B 254 11.49 20.53 -8.98
CA HIS B 254 11.72 20.00 -10.33
C HIS B 254 10.58 19.13 -10.68
N ILE B 255 10.00 19.35 -11.86
CA ILE B 255 9.01 18.42 -12.41
C ILE B 255 9.43 18.02 -13.85
N LEU B 256 9.43 16.72 -14.12
CA LEU B 256 9.70 16.18 -15.45
C LEU B 256 8.39 15.56 -15.99
N LYS B 257 7.94 15.98 -17.16
CA LYS B 257 6.71 15.46 -17.75
C LYS B 257 7.02 14.56 -18.96
N ILE B 258 6.65 13.29 -18.89
CA ILE B 258 6.99 12.29 -19.95
C ILE B 258 5.64 11.84 -20.53
N GLY B 259 5.49 12.01 -21.84
CA GLY B 259 4.22 11.72 -22.49
C GLY B 259 4.31 10.61 -23.51
N TYR B 260 3.47 9.61 -23.37
CA TYR B 260 3.29 8.58 -24.39
C TYR B 260 2.34 9.04 -25.48
N LEU B 261 2.88 9.19 -26.68
CA LEU B 261 2.09 9.51 -27.84
C LEU B 261 1.82 8.23 -28.68
N ASN B 262 0.62 7.68 -28.51
CA ASN B 262 0.30 6.33 -28.94
C ASN B 262 -0.41 6.27 -30.27
N ASP B 263 -0.92 7.43 -30.71
CA ASP B 263 -2.11 7.54 -31.58
C ASP B 263 -2.10 8.94 -32.17
N ARG B 264 -2.74 9.13 -33.32
CA ARG B 264 -2.84 10.47 -33.89
C ARG B 264 -1.46 11.14 -33.89
N VAL B 265 -0.42 10.41 -34.32
CA VAL B 265 0.95 10.89 -34.09
C VAL B 265 1.30 12.15 -34.85
N ASP B 266 0.99 12.17 -36.15
CA ASP B 266 1.23 13.34 -36.99
C ASP B 266 0.50 14.61 -36.53
N GLU B 267 -0.80 14.48 -36.33
CA GLU B 267 -1.64 15.53 -35.75
C GLU B 267 -1.08 16.07 -34.41
N LEU B 268 -0.66 15.19 -33.51
CA LEU B 268 -0.41 15.64 -32.14
C LEU B 268 1.05 15.87 -31.71
N LEU B 269 2.02 15.37 -32.49
CA LEU B 269 3.45 15.38 -32.13
C LEU B 269 3.95 16.74 -31.71
N GLU B 270 3.69 17.74 -32.55
CA GLU B 270 4.14 19.09 -32.27
C GLU B 270 3.58 19.61 -30.93
N LYS B 271 2.31 19.34 -30.65
CA LYS B 271 1.69 19.80 -29.42
C LYS B 271 2.22 19.09 -28.18
N TYR B 272 2.41 17.77 -28.30
CA TYR B 272 3.04 16.99 -27.24
C TYR B 272 4.48 17.41 -26.97
N MSE B 273 5.24 17.68 -28.02
CA MSE B 273 6.65 18.09 -27.85
C MSE B 273 6.77 19.46 -27.17
O MSE B 273 7.74 19.70 -26.41
CB MSE B 273 7.39 18.05 -29.20
CG MSE B 273 7.78 16.64 -29.60
SE MSE B 273 8.82 16.57 -31.24
CE MSE B 273 10.59 17.40 -30.62
N ASP B 274 5.77 20.31 -27.40
CA ASP B 274 5.67 21.63 -26.80
C ASP B 274 5.30 21.58 -25.32
N SER B 275 4.51 20.58 -24.93
CA SER B 275 3.92 20.50 -23.60
C SER B 275 4.57 19.46 -22.66
N TYR B 276 4.97 18.30 -23.20
CA TYR B 276 5.73 17.33 -22.43
C TYR B 276 7.20 17.57 -22.68
N ASP B 277 8.04 17.30 -21.67
CA ASP B 277 9.51 17.47 -21.80
C ASP B 277 10.06 16.36 -22.68
N ILE B 278 9.58 15.14 -22.42
CA ILE B 278 9.98 13.98 -23.21
C ILE B 278 8.75 13.38 -23.81
N VAL B 279 8.76 13.13 -25.12
CA VAL B 279 7.64 12.49 -25.81
C VAL B 279 8.11 11.09 -26.30
N LEU B 280 7.35 10.05 -25.97
CA LEU B 280 7.72 8.69 -26.37
C LEU B 280 6.74 8.22 -27.41
N VAL B 281 7.22 8.10 -28.65
CA VAL B 281 6.35 7.81 -29.79
C VAL B 281 6.19 6.31 -30.06
N LYS B 282 4.96 5.84 -29.90
CA LYS B 282 4.57 4.42 -30.07
C LYS B 282 5.57 3.54 -29.34
N GLU B 283 5.70 3.75 -28.03
CA GLU B 283 6.72 3.12 -27.22
C GLU B 283 6.02 2.27 -26.18
N GLU B 284 6.31 0.96 -26.19
CA GLU B 284 5.69 0.02 -25.27
C GLU B 284 6.55 -0.38 -24.06
N SER B 285 7.51 0.45 -23.71
CA SER B 285 8.36 0.14 -22.55
C SER B 285 8.54 1.33 -21.62
N LEU B 286 9.04 1.04 -20.41
CA LEU B 286 9.28 2.05 -19.37
C LEU B 286 10.78 2.38 -19.20
N GLU B 287 11.58 2.09 -20.22
CA GLU B 287 13.03 2.15 -20.03
C GLU B 287 13.61 3.54 -19.94
N VAL B 288 13.04 4.53 -20.62
CA VAL B 288 13.47 5.91 -20.39
C VAL B 288 13.25 6.35 -18.93
N VAL B 289 12.03 6.12 -18.41
CA VAL B 289 11.80 6.43 -17.01
C VAL B 289 12.70 5.60 -16.07
N ASN B 290 12.79 4.29 -16.29
CA ASN B 290 13.72 3.46 -15.51
C ASN B 290 15.17 3.98 -15.50
N SER B 291 15.67 4.45 -16.66
CA SER B 291 17.04 5.02 -16.75
C SER B 291 17.21 6.25 -15.86
N ILE B 292 16.19 7.12 -15.80
CA ILE B 292 16.19 8.27 -14.89
C ILE B 292 16.15 7.83 -13.42
N LEU B 293 15.29 6.87 -13.09
CA LEU B 293 15.26 6.27 -11.73
C LEU B 293 16.60 5.68 -11.29
N GLN B 294 17.27 4.99 -12.20
CA GLN B 294 18.57 4.41 -12.00
C GLN B 294 19.63 5.44 -11.59
N LYS B 295 19.66 6.57 -12.29
CA LYS B 295 20.57 7.66 -11.92
C LYS B 295 20.15 8.30 -10.58
N THR B 296 18.84 8.37 -10.31
CA THR B 296 18.26 9.19 -9.25
C THR B 296 18.25 8.50 -7.88
N LEU B 297 17.89 7.22 -7.85
CA LEU B 297 17.68 6.51 -6.60
C LEU B 297 18.95 5.88 -6.03
PB PB C . 2.49 -6.28 21.70
N1 EPE D . -12.37 -22.23 -0.41
C2 EPE D . -11.80 -21.40 -1.48
C3 EPE D . -12.83 -20.42 -2.05
N4 EPE D . -13.83 -19.96 -1.11
C5 EPE D . -13.72 -20.23 0.32
C6 EPE D . -12.81 -21.40 0.74
C7 EPE D . -15.11 -19.50 -1.62
C8 EPE D . -15.15 -18.01 -1.97
O8 EPE D . -16.04 -17.33 -1.11
C9 EPE D . -11.33 -23.20 0.01
C10 EPE D . -11.84 -24.16 1.06
S EPE D . -10.54 -25.18 1.82
O1S EPE D . -9.99 -26.10 0.82
O2S EPE D . -9.46 -24.32 2.29
O3S EPE D . -11.11 -25.93 2.94
PB PB E . -4.61 9.30 -20.12
N1 EPE F . 23.45 5.79 -7.83
C2 EPE F . 23.08 4.78 -6.82
C3 EPE F . 22.90 5.42 -5.43
N4 EPE F . 22.69 6.86 -5.45
C5 EPE F . 22.17 7.55 -6.62
C6 EPE F . 22.42 6.84 -7.94
C7 EPE F . 23.25 7.67 -4.37
C8 EPE F . 22.51 7.53 -3.04
O8 EPE F . 23.32 8.06 -2.02
C9 EPE F . 23.60 5.11 -9.13
C10 EPE F . 24.55 5.91 -10.03
S EPE F . 24.42 5.46 -11.78
O1S EPE F . 24.90 4.09 -11.95
O2S EPE F . 23.02 5.50 -12.18
O3S EPE F . 25.19 6.41 -12.58
#